data_2H1I
#
_entry.id   2H1I
#
_cell.length_a   99.607
_cell.length_b   99.607
_cell.length_c   160.234
_cell.angle_alpha   90.00
_cell.angle_beta   90.00
_cell.angle_gamma   120.00
#
_symmetry.space_group_name_H-M   'P 61'
#
loop_
_entity.id
_entity.type
_entity.pdbx_description
1 polymer Carboxylesterase
2 non-polymer 'ZINC ION'
3 non-polymer 'CALCIUM ION'
4 non-polymer 'CHLORIDE ION'
5 water water
#
_entity_poly.entity_id   1
_entity_poly.type   'polypeptide(L)'
_entity_poly.pdbx_seq_one_letter_code
;(MSE)HHHHHHSSGVDLGTENLYFQSNA(MSE)(MSE)KHVFQKGKDTSKPVLLLLHGTGGNELDLLPLAEIVDSEASVL
SVRGNVLENG(MSE)PRFFRRLAEGIFDEEDLIFRTKELNEFLDEAAKEYKFDRNNIVAIGYSNGANIAASLLFHYENAL
KGAVLHHP(MSE)VPRRG(MSE)QLANLAGKSVFIAAGTNDPICSSAESEELKVLLENANANVT(MSE)HWENRGHQLT
(MSE)GEVEKAKEWYDKAF
;
_entity_poly.pdbx_strand_id   A,B,C
#
# COMPACT_ATOMS: atom_id res chain seq x y z
N THR A 15 22.74 27.30 -24.01
CA THR A 15 22.33 25.95 -24.51
C THR A 15 21.47 26.05 -25.79
N GLU A 16 21.76 25.20 -26.77
CA GLU A 16 20.91 25.09 -27.95
C GLU A 16 20.81 23.66 -28.51
N ASN A 17 20.12 22.80 -27.76
CA ASN A 17 19.59 21.56 -28.30
C ASN A 17 18.07 21.70 -28.24
N LEU A 18 17.57 22.89 -28.59
CA LEU A 18 16.20 23.30 -28.30
C LEU A 18 15.15 22.53 -29.07
N TYR A 19 15.52 22.09 -30.27
CA TYR A 19 14.57 21.39 -31.10
C TYR A 19 14.20 20.04 -30.49
N PHE A 20 15.22 19.34 -30.00
CA PHE A 20 15.02 18.04 -29.39
C PHE A 20 14.23 18.14 -28.10
N GLN A 21 14.63 19.08 -27.24
CA GLN A 21 13.98 19.24 -25.94
C GLN A 21 12.47 19.40 -26.04
N SER A 22 12.02 19.82 -27.21
CA SER A 22 10.63 20.16 -27.44
C SER A 22 9.88 19.13 -28.29
N ASN A 23 10.63 18.36 -29.10
CA ASN A 23 10.03 17.39 -30.03
C ASN A 23 10.37 15.92 -29.80
N ALA A 24 11.19 15.64 -28.77
CA ALA A 24 11.56 14.27 -28.41
C ALA A 24 10.36 13.48 -27.91
N LYS A 27 10.06 14.13 -22.33
CA LYS A 27 10.53 15.35 -21.72
C LYS A 27 11.64 15.01 -20.73
N HIS A 28 12.64 15.88 -20.65
CA HIS A 28 13.85 15.57 -19.89
C HIS A 28 14.70 16.80 -19.74
N VAL A 29 15.69 16.71 -18.86
CA VAL A 29 16.75 17.71 -18.77
C VAL A 29 18.11 17.04 -18.94
N PHE A 30 19.07 17.79 -19.46
CA PHE A 30 20.40 17.26 -19.71
C PHE A 30 21.47 18.21 -19.21
N GLN A 31 22.40 17.71 -18.41
CA GLN A 31 23.50 18.53 -17.95
C GLN A 31 24.81 17.90 -18.40
N LYS A 32 25.44 18.49 -19.42
CA LYS A 32 26.70 17.98 -19.88
C LYS A 32 27.71 18.04 -18.75
N GLY A 33 28.48 16.96 -18.59
CA GLY A 33 29.36 16.80 -17.44
C GLY A 33 30.75 17.37 -17.61
N LYS A 34 31.43 17.52 -16.48
CA LYS A 34 32.79 18.01 -16.44
C LYS A 34 33.71 17.00 -17.11
N ASP A 35 33.36 15.73 -17.01
CA ASP A 35 34.19 14.67 -17.57
C ASP A 35 33.36 13.72 -18.42
N THR A 36 33.55 13.80 -19.74
CA THR A 36 32.73 13.07 -20.72
C THR A 36 33.01 11.57 -20.72
N SER A 37 34.17 11.15 -20.22
CA SER A 37 34.55 9.74 -20.23
C SER A 37 33.72 8.92 -19.25
N LYS A 38 33.23 9.58 -18.21
CA LYS A 38 32.37 8.93 -17.20
C LYS A 38 30.96 8.66 -17.70
N PRO A 39 30.31 7.63 -17.11
CA PRO A 39 28.96 7.21 -17.51
C PRO A 39 27.98 8.37 -17.51
N VAL A 40 27.05 8.39 -18.44
CA VAL A 40 25.96 9.34 -18.41
C VAL A 40 24.94 8.79 -17.43
N LEU A 41 24.59 9.58 -16.42
CA LEU A 41 23.70 9.10 -15.37
C LEU A 41 22.23 9.31 -15.74
N LEU A 42 21.50 8.23 -16.01
CA LEU A 42 20.10 8.34 -16.41
C LEU A 42 19.20 8.31 -15.17
N LEU A 43 18.41 9.35 -14.95
CA LEU A 43 17.63 9.44 -13.73
C LEU A 43 16.12 9.22 -13.95
N LEU A 44 15.53 8.38 -13.10
CA LEU A 44 14.14 8.01 -13.28
C LEU A 44 13.35 8.15 -11.99
N HIS A 45 12.49 9.17 -11.92
CA HIS A 45 11.76 9.49 -10.70
C HIS A 45 10.81 8.37 -10.25
N GLY A 46 10.36 8.47 -9.00
CA GLY A 46 9.34 7.60 -8.49
C GLY A 46 7.98 8.18 -8.83
N THR A 47 6.92 7.45 -8.47
CA THR A 47 5.56 7.89 -8.78
C THR A 47 5.22 9.21 -8.14
N GLY A 48 4.79 10.15 -8.96
CA GLY A 48 4.29 11.41 -8.48
C GLY A 48 5.38 12.44 -8.34
N GLY A 49 6.60 12.09 -8.77
CA GLY A 49 7.71 13.03 -8.73
C GLY A 49 7.83 13.67 -10.09
N ASN A 50 9.06 14.07 -10.43
CA ASN A 50 9.36 14.65 -11.73
C ASN A 50 10.84 14.60 -12.10
N GLU A 51 11.19 15.18 -13.24
CA GLU A 51 12.54 15.01 -13.77
C GLU A 51 13.61 15.80 -13.02
N LEU A 52 13.23 16.45 -11.94
CA LEU A 52 14.20 17.20 -11.11
C LEU A 52 14.53 16.51 -9.79
N ASP A 53 13.64 15.61 -9.35
CA ASP A 53 13.74 15.00 -8.02
C ASP A 53 15.10 14.40 -7.73
N LEU A 54 15.63 13.68 -8.70
CA LEU A 54 16.80 12.87 -8.41
C LEU A 54 18.11 13.59 -8.69
N LEU A 55 18.03 14.83 -9.19
CA LEU A 55 19.23 15.62 -9.46
C LEU A 55 20.25 15.65 -8.31
N PRO A 56 19.78 15.80 -7.05
CA PRO A 56 20.68 15.67 -5.91
C PRO A 56 21.46 14.35 -5.87
N LEU A 57 20.81 13.23 -6.22
CA LEU A 57 21.48 11.92 -6.19
C LEU A 57 22.70 11.88 -7.10
N ALA A 58 22.55 12.32 -8.35
CA ALA A 58 23.66 12.31 -9.27
C ALA A 58 24.82 13.09 -8.68
N GLU A 59 24.56 14.28 -8.14
CA GLU A 59 25.61 15.09 -7.53
C GLU A 59 26.39 14.32 -6.46
N ILE A 60 25.67 13.59 -5.62
CA ILE A 60 26.32 12.81 -4.59
C ILE A 60 27.03 11.58 -5.18
N VAL A 61 26.56 11.07 -6.32
CA VAL A 61 27.13 9.84 -6.86
C VAL A 61 28.35 10.11 -7.75
N ASP A 62 28.26 11.11 -8.61
CA ASP A 62 29.34 11.46 -9.52
C ASP A 62 29.13 12.85 -10.10
N SER A 63 29.63 13.85 -9.37
CA SER A 63 29.38 15.26 -9.70
C SER A 63 29.86 15.58 -11.11
N GLU A 64 30.93 14.92 -11.51
CA GLU A 64 31.52 15.14 -12.83
C GLU A 64 30.71 14.56 -14.00
N ALA A 65 29.78 13.64 -13.69
CA ALA A 65 29.08 12.89 -14.74
C ALA A 65 27.96 13.65 -15.45
N SER A 66 27.80 13.36 -16.73
CA SER A 66 26.67 13.85 -17.48
C SER A 66 25.37 13.29 -16.89
N VAL A 67 24.33 14.12 -16.93
CA VAL A 67 23.02 13.76 -16.38
C VAL A 67 21.89 13.87 -17.39
N LEU A 68 21.22 12.74 -17.62
CA LEU A 68 20.01 12.71 -18.44
C LEU A 68 18.86 12.29 -17.54
N SER A 69 17.92 13.22 -17.30
CA SER A 69 16.83 13.00 -16.36
C SER A 69 15.50 13.15 -17.06
N VAL A 70 14.62 12.17 -16.89
CA VAL A 70 13.46 12.05 -17.74
C VAL A 70 12.16 12.07 -16.94
N ARG A 71 11.15 12.71 -17.52
CA ARG A 71 9.80 12.71 -16.96
C ARG A 71 8.97 11.66 -17.67
N GLY A 72 8.39 10.73 -16.91
CA GLY A 72 7.58 9.66 -17.49
C GLY A 72 6.42 10.21 -18.30
N ASN A 73 5.95 9.38 -19.24
CA ASN A 73 4.91 9.76 -20.22
C ASN A 73 3.49 9.36 -19.82
N VAL A 74 3.36 8.78 -18.63
CA VAL A 74 2.07 8.31 -18.17
C VAL A 74 1.64 9.10 -16.93
N LEU A 75 0.34 9.36 -16.82
CA LEU A 75 -0.22 10.07 -15.67
C LEU A 75 -1.19 9.20 -14.90
N GLU A 76 -0.96 9.06 -13.60
CA GLU A 76 -1.91 8.37 -12.76
C GLU A 76 -2.44 9.42 -11.82
N ASN A 77 -3.68 9.81 -12.04
CA ASN A 77 -4.30 10.86 -11.27
C ASN A 77 -3.38 12.08 -11.06
N GLY A 78 -2.90 12.65 -12.16
CA GLY A 78 -2.08 13.86 -12.10
C GLY A 78 -0.63 13.67 -11.72
N PRO A 80 3.07 12.03 -12.57
CA PRO A 80 3.96 11.40 -13.53
C PRO A 80 4.42 9.98 -13.14
N ARG A 81 4.22 9.03 -14.04
CA ARG A 81 4.65 7.64 -13.89
C ARG A 81 5.26 7.19 -15.21
N PHE A 82 6.11 6.17 -15.16
CA PHE A 82 6.74 5.65 -16.37
C PHE A 82 5.93 4.62 -17.12
N PHE A 83 5.00 3.97 -16.44
CA PHE A 83 4.08 3.05 -17.11
C PHE A 83 2.85 2.82 -16.22
N ARG A 84 1.74 2.38 -16.84
CA ARG A 84 0.47 2.22 -16.16
C ARG A 84 0.40 0.99 -15.29
N ARG A 85 -0.31 1.14 -14.17
CA ARG A 85 -0.61 0.02 -13.29
C ARG A 85 -2.08 0.11 -12.92
N LEU A 86 -2.67 -1.04 -12.63
CA LEU A 86 -4.05 -1.06 -12.16
C LEU A 86 -4.12 -0.77 -10.66
N ALA A 87 -3.04 -1.12 -9.96
CA ALA A 87 -2.96 -1.03 -8.50
C ALA A 87 -1.53 -1.39 -8.12
N GLU A 88 -1.14 -1.12 -6.88
CA GLU A 88 0.22 -1.42 -6.47
C GLU A 88 0.58 -2.85 -6.80
N GLY A 89 1.69 -3.05 -7.47
CA GLY A 89 2.14 -4.41 -7.75
C GLY A 89 1.41 -5.12 -8.87
N ILE A 90 0.39 -4.48 -9.46
CA ILE A 90 -0.28 -5.07 -10.63
C ILE A 90 -0.12 -4.21 -11.89
N PHE A 91 0.91 -4.52 -12.68
CA PHE A 91 1.24 -3.70 -13.84
C PHE A 91 0.42 -4.02 -15.09
N ASP A 92 0.16 -2.98 -15.88
CA ASP A 92 -0.29 -3.15 -17.25
C ASP A 92 0.90 -3.70 -18.03
N GLU A 93 0.94 -5.00 -18.28
CA GLU A 93 2.12 -5.58 -18.91
C GLU A 93 2.31 -5.18 -20.38
N GLU A 94 1.23 -4.86 -21.08
CA GLU A 94 1.34 -4.34 -22.43
C GLU A 94 1.93 -2.94 -22.46
N ASP A 95 1.56 -2.10 -21.49
CA ASP A 95 2.10 -0.75 -21.42
C ASP A 95 3.55 -0.78 -20.94
N LEU A 96 3.84 -1.65 -19.96
CA LEU A 96 5.22 -1.80 -19.49
C LEU A 96 6.22 -2.06 -20.62
N ILE A 97 5.95 -3.06 -21.46
CA ILE A 97 6.88 -3.35 -22.56
C ILE A 97 6.93 -2.20 -23.57
N PHE A 98 5.79 -1.60 -23.86
CA PHE A 98 5.72 -0.48 -24.80
C PHE A 98 6.49 0.74 -24.29
N ARG A 99 6.45 0.97 -22.98
CA ARG A 99 7.15 2.11 -22.41
C ARG A 99 8.61 1.78 -22.23
N THR A 100 8.95 0.51 -22.03
CA THR A 100 10.35 0.13 -21.93
C THR A 100 11.01 0.28 -23.29
N LYS A 101 10.31 -0.17 -24.32
CA LYS A 101 10.81 0.05 -25.66
C LYS A 101 10.96 1.55 -25.92
N GLU A 102 9.93 2.32 -25.58
CA GLU A 102 9.92 3.74 -25.86
C GLU A 102 11.12 4.42 -25.24
N LEU A 103 11.43 4.07 -24.00
CA LEU A 103 12.56 4.66 -23.30
C LEU A 103 13.88 4.24 -23.93
N ASN A 104 13.93 3.02 -24.44
CA ASN A 104 15.13 2.51 -25.08
C ASN A 104 15.36 3.21 -26.40
N GLU A 105 14.29 3.38 -27.17
CA GLU A 105 14.38 4.11 -28.43
C GLU A 105 14.68 5.58 -28.16
N PHE A 106 14.50 6.03 -26.92
CA PHE A 106 14.76 7.44 -26.61
C PHE A 106 16.21 7.68 -26.22
N LEU A 107 16.77 6.76 -25.44
CA LEU A 107 18.20 6.77 -25.16
C LEU A 107 18.97 6.73 -26.48
N ASP A 108 18.40 6.07 -27.49
CA ASP A 108 18.99 6.09 -28.83
C ASP A 108 19.12 7.54 -29.31
N GLU A 109 18.01 8.25 -29.38
CA GLU A 109 18.03 9.60 -29.93
C GLU A 109 18.76 10.63 -29.05
N ALA A 110 18.81 10.38 -27.74
CA ALA A 110 19.44 11.31 -26.84
C ALA A 110 20.94 11.14 -26.89
N ALA A 111 21.38 9.93 -27.25
CA ALA A 111 22.79 9.65 -27.39
C ALA A 111 23.33 10.36 -28.62
N LYS A 112 22.56 10.34 -29.70
CA LYS A 112 22.91 11.11 -30.89
C LYS A 112 22.89 12.60 -30.60
N GLU A 113 21.71 13.12 -30.26
CA GLU A 113 21.46 14.56 -30.07
C GLU A 113 22.44 15.25 -29.12
N TYR A 114 22.81 14.58 -28.03
CA TYR A 114 23.72 15.17 -27.06
C TYR A 114 25.13 14.59 -27.20
N LYS A 115 25.36 13.89 -28.30
CA LYS A 115 26.67 13.35 -28.64
C LYS A 115 27.39 12.70 -27.45
N PHE A 116 26.74 11.77 -26.76
CA PHE A 116 27.44 10.94 -25.79
C PHE A 116 27.37 9.46 -26.19
N ASP A 117 28.15 8.63 -25.49
CA ASP A 117 28.28 7.22 -25.85
C ASP A 117 27.06 6.38 -25.47
N ARG A 118 26.33 5.92 -26.49
CA ARG A 118 25.11 5.16 -26.30
C ARG A 118 25.32 3.97 -25.37
N ASN A 119 26.52 3.39 -25.40
CA ASN A 119 26.77 2.12 -24.74
C ASN A 119 27.36 2.25 -23.35
N ASN A 120 27.26 3.46 -22.78
CA ASN A 120 27.83 3.76 -21.46
C ASN A 120 26.87 4.63 -20.65
N ILE A 121 25.72 4.06 -20.29
CA ILE A 121 24.71 4.77 -19.51
C ILE A 121 24.38 4.01 -18.24
N VAL A 122 24.28 4.72 -17.12
CA VAL A 122 23.97 4.08 -15.86
C VAL A 122 22.77 4.74 -15.25
N ALA A 123 21.83 3.93 -14.79
CA ALA A 123 20.54 4.43 -14.35
C ALA A 123 20.44 4.52 -12.83
N ILE A 124 19.97 5.65 -12.35
CA ILE A 124 19.57 5.73 -10.97
C ILE A 124 18.06 5.92 -10.93
N GLY A 125 17.35 4.92 -10.44
CA GLY A 125 15.91 4.99 -10.38
C GLY A 125 15.42 4.81 -8.98
N TYR A 126 14.25 5.37 -8.69
CA TYR A 126 13.59 5.13 -7.42
C TYR A 126 12.17 4.59 -7.64
N SER A 127 11.82 3.55 -6.89
CA SER A 127 10.51 2.92 -6.97
C SER A 127 10.05 2.67 -8.40
N ASN A 128 8.97 3.32 -8.81
CA ASN A 128 8.44 3.10 -10.16
C ASN A 128 9.51 3.33 -11.21
N GLY A 129 10.35 4.34 -10.99
CA GLY A 129 11.45 4.62 -11.88
C GLY A 129 12.48 3.50 -11.90
N ALA A 130 12.76 2.92 -10.73
CA ALA A 130 13.65 1.77 -10.67
C ALA A 130 13.07 0.61 -11.45
N ASN A 131 11.74 0.50 -11.44
CA ASN A 131 11.10 -0.64 -12.07
C ASN A 131 11.27 -0.61 -13.58
N ILE A 132 11.16 0.56 -14.20
CA ILE A 132 11.32 0.58 -15.63
C ILE A 132 12.78 0.35 -15.98
N ALA A 133 13.67 0.78 -15.09
CA ALA A 133 15.10 0.55 -15.28
C ALA A 133 15.37 -0.94 -15.23
N ALA A 134 14.78 -1.63 -14.26
CA ALA A 134 14.95 -3.06 -14.21
C ALA A 134 14.31 -3.70 -15.45
N SER A 135 13.26 -3.06 -15.96
CA SER A 135 12.61 -3.56 -17.14
C SER A 135 13.55 -3.49 -18.34
N LEU A 136 14.34 -2.41 -18.43
CA LEU A 136 15.31 -2.25 -19.51
C LEU A 136 16.30 -3.40 -19.45
N LEU A 137 16.87 -3.61 -18.26
CA LEU A 137 17.77 -4.71 -18.04
C LEU A 137 17.22 -6.03 -18.57
N PHE A 138 15.93 -6.27 -18.31
CA PHE A 138 15.28 -7.52 -18.70
C PHE A 138 15.09 -7.63 -20.22
N HIS A 139 14.61 -6.54 -20.84
CA HIS A 139 14.17 -6.55 -22.22
C HIS A 139 15.24 -6.21 -23.23
N TYR A 140 16.08 -5.23 -22.90
CA TYR A 140 17.04 -4.72 -23.88
C TYR A 140 18.46 -4.81 -23.39
N GLU A 141 19.03 -5.97 -23.66
CA GLU A 141 20.44 -6.31 -23.42
C GLU A 141 21.40 -5.15 -23.18
N ASN A 142 21.44 -4.18 -24.09
CA ASN A 142 22.47 -3.18 -23.98
C ASN A 142 22.00 -1.75 -23.78
N ALA A 143 20.76 -1.59 -23.36
CA ALA A 143 20.27 -0.27 -23.02
C ALA A 143 21.07 0.37 -21.90
N LEU A 144 21.43 -0.39 -20.87
CA LEU A 144 22.17 0.19 -19.77
C LEU A 144 23.47 -0.53 -19.48
N LYS A 145 24.53 0.23 -19.24
CA LYS A 145 25.78 -0.37 -18.79
C LYS A 145 25.62 -0.90 -17.37
N GLY A 146 24.93 -0.14 -16.52
CA GLY A 146 24.67 -0.54 -15.14
C GLY A 146 23.46 0.20 -14.57
N ALA A 147 23.14 -0.05 -13.30
CA ALA A 147 21.94 0.53 -12.72
C ALA A 147 21.93 0.55 -11.19
N VAL A 148 21.51 1.69 -10.63
CA VAL A 148 21.24 1.79 -9.20
C VAL A 148 19.72 1.71 -9.05
N LEU A 149 19.23 0.73 -8.30
CA LEU A 149 17.79 0.54 -8.14
C LEU A 149 17.36 0.78 -6.70
N HIS A 150 16.79 1.95 -6.43
CA HIS A 150 16.29 2.24 -5.10
C HIS A 150 14.87 1.76 -4.92
N HIS A 151 14.71 0.64 -4.22
CA HIS A 151 13.38 0.12 -3.83
C HIS A 151 12.57 -0.35 -5.00
N PRO A 152 13.15 -1.24 -5.82
CA PRO A 152 12.52 -1.80 -7.01
C PRO A 152 11.63 -2.98 -6.73
N VAL A 154 10.13 -6.71 -9.03
CA VAL A 154 10.34 -7.52 -10.22
C VAL A 154 9.43 -6.99 -11.32
N PRO A 155 10.02 -6.46 -12.40
CA PRO A 155 9.26 -5.90 -13.53
C PRO A 155 8.26 -6.87 -14.15
N ARG A 156 8.70 -8.07 -14.47
CA ARG A 156 7.80 -9.15 -14.90
C ARG A 156 8.42 -10.51 -14.60
N ARG A 157 7.58 -11.52 -14.40
CA ARG A 157 8.06 -12.87 -14.14
C ARG A 157 7.99 -13.79 -15.35
N GLY A 158 8.77 -14.87 -15.31
CA GLY A 158 8.70 -15.92 -16.32
C GLY A 158 9.28 -15.56 -17.69
N GLN A 160 12.67 -15.20 -20.14
CA GLN A 160 14.06 -15.43 -20.44
C GLN A 160 14.82 -14.09 -20.49
N LEU A 161 15.78 -13.89 -19.58
CA LEU A 161 16.64 -12.71 -19.66
C LEU A 161 17.79 -12.97 -20.62
N ALA A 162 18.30 -11.92 -21.25
CA ALA A 162 19.53 -12.10 -22.03
C ALA A 162 20.68 -12.21 -21.06
N ASN A 163 21.88 -12.45 -21.58
CA ASN A 163 23.07 -12.48 -20.77
C ASN A 163 23.49 -11.06 -20.40
N LEU A 164 23.64 -10.79 -19.11
CA LEU A 164 24.03 -9.49 -18.62
C LEU A 164 25.49 -9.49 -18.17
N ALA A 165 26.26 -10.38 -18.76
CA ALA A 165 27.68 -10.57 -18.46
C ALA A 165 28.36 -9.42 -17.71
N GLY A 166 28.76 -8.39 -18.43
CA GLY A 166 29.58 -7.37 -17.79
C GLY A 166 28.79 -6.23 -17.20
N LYS A 167 27.68 -6.55 -16.53
CA LYS A 167 26.77 -5.52 -16.08
C LYS A 167 26.52 -5.56 -14.58
N SER A 168 26.70 -4.41 -13.92
CA SER A 168 26.60 -4.35 -12.47
C SER A 168 25.38 -3.60 -11.98
N VAL A 169 24.72 -4.16 -10.97
CA VAL A 169 23.47 -3.64 -10.48
C VAL A 169 23.52 -3.45 -8.97
N PHE A 170 23.11 -2.27 -8.53
CA PHE A 170 22.99 -1.99 -7.11
C PHE A 170 21.51 -1.93 -6.77
N ILE A 171 21.11 -2.65 -5.74
CA ILE A 171 19.72 -2.66 -5.30
C ILE A 171 19.60 -2.25 -3.84
N ALA A 172 18.93 -1.14 -3.56
CA ALA A 172 18.69 -0.75 -2.18
C ALA A 172 17.25 -1.06 -1.82
N ALA A 173 17.07 -1.86 -0.79
CA ALA A 173 15.72 -2.24 -0.38
C ALA A 173 15.54 -1.96 1.10
N GLY A 174 14.28 -1.92 1.52
CA GLY A 174 13.95 -1.67 2.91
C GLY A 174 13.43 -2.90 3.61
N THR A 175 13.63 -2.94 4.92
CA THR A 175 13.23 -4.08 5.71
C THR A 175 11.77 -3.96 6.11
N ASN A 176 11.35 -2.76 6.53
CA ASN A 176 10.02 -2.62 7.11
C ASN A 176 9.12 -1.84 6.18
N ASP A 177 8.94 -2.40 4.99
CA ASP A 177 8.43 -1.68 3.85
C ASP A 177 7.04 -2.17 3.47
N PRO A 178 6.03 -1.31 3.65
CA PRO A 178 4.68 -1.75 3.39
C PRO A 178 4.39 -1.90 1.91
N ILE A 179 5.35 -1.58 1.04
CA ILE A 179 5.09 -1.63 -0.39
C ILE A 179 5.78 -2.79 -1.10
N CYS A 180 7.09 -2.94 -0.88
CA CYS A 180 7.78 -4.08 -1.45
C CYS A 180 8.24 -5.01 -0.37
N SER A 181 7.91 -6.29 -0.55
CA SER A 181 8.28 -7.32 0.40
C SER A 181 9.76 -7.59 0.19
N SER A 182 10.47 -7.90 1.26
CA SER A 182 11.90 -8.15 1.13
C SER A 182 12.20 -9.41 0.32
N ALA A 183 11.26 -10.36 0.33
CA ALA A 183 11.39 -11.58 -0.47
C ALA A 183 11.37 -11.28 -1.96
N GLU A 184 10.60 -10.27 -2.35
CA GLU A 184 10.54 -9.91 -3.75
C GLU A 184 11.79 -9.14 -4.17
N SER A 185 12.42 -8.48 -3.21
CA SER A 185 13.68 -7.80 -3.49
C SER A 185 14.79 -8.83 -3.75
N GLU A 186 14.72 -9.98 -3.09
CA GLU A 186 15.73 -11.00 -3.28
C GLU A 186 15.41 -11.78 -4.54
N GLU A 187 14.13 -11.89 -4.84
CA GLU A 187 13.69 -12.55 -6.06
C GLU A 187 14.29 -11.80 -7.24
N LEU A 188 14.35 -10.47 -7.15
CA LEU A 188 14.93 -9.64 -8.19
C LEU A 188 16.42 -9.87 -8.32
N LYS A 189 17.12 -9.90 -7.20
CA LYS A 189 18.55 -10.18 -7.16
C LYS A 189 18.85 -11.48 -7.88
N VAL A 190 18.15 -12.54 -7.48
CA VAL A 190 18.40 -13.86 -8.02
C VAL A 190 18.15 -13.91 -9.53
N LEU A 191 16.97 -13.46 -9.95
CA LEU A 191 16.69 -13.32 -11.38
C LEU A 191 17.87 -12.68 -12.13
N LEU A 192 18.38 -11.57 -11.60
CA LEU A 192 19.48 -10.84 -12.24
C LEU A 192 20.80 -11.63 -12.25
N GLU A 193 21.11 -12.31 -11.15
CA GLU A 193 22.34 -13.11 -11.10
C GLU A 193 22.28 -14.30 -12.04
N ASN A 194 21.12 -14.93 -12.14
CA ASN A 194 20.93 -16.03 -13.08
C ASN A 194 21.18 -15.61 -14.53
N ALA A 195 21.21 -14.32 -14.79
CA ALA A 195 21.54 -13.84 -16.12
C ALA A 195 22.94 -13.24 -16.12
N ASN A 196 23.74 -13.63 -15.12
CA ASN A 196 25.14 -13.23 -15.04
C ASN A 196 25.42 -11.74 -14.83
N ALA A 197 24.53 -11.08 -14.10
CA ALA A 197 24.81 -9.73 -13.66
C ALA A 197 25.47 -9.83 -12.30
N ASN A 198 26.36 -8.90 -12.01
CA ASN A 198 26.95 -8.82 -10.69
C ASN A 198 26.06 -7.90 -9.86
N VAL A 199 25.54 -8.39 -8.77
CA VAL A 199 24.45 -7.68 -8.10
C VAL A 199 24.79 -7.44 -6.65
N THR A 200 25.00 -6.19 -6.29
CA THR A 200 25.27 -5.84 -4.90
C THR A 200 23.94 -5.51 -4.27
N HIS A 202 22.08 -3.70 -0.84
CA HIS A 202 22.09 -3.02 0.44
C HIS A 202 20.72 -3.00 1.09
N TRP A 203 20.71 -3.04 2.41
CA TRP A 203 19.46 -3.09 3.19
C TRP A 203 19.32 -1.91 4.14
N GLU A 204 18.14 -1.31 4.16
CA GLU A 204 17.80 -0.31 5.15
C GLU A 204 16.55 -0.80 5.89
N ASN A 205 16.29 -0.26 7.07
CA ASN A 205 15.15 -0.71 7.84
C ASN A 205 14.21 0.44 8.11
N ARG A 206 14.05 1.29 7.10
CA ARG A 206 13.21 2.45 7.25
C ARG A 206 12.13 2.51 6.17
N GLY A 207 11.45 1.40 5.95
CA GLY A 207 10.37 1.35 4.97
C GLY A 207 10.74 1.77 3.56
N HIS A 208 9.80 2.44 2.89
CA HIS A 208 9.91 2.75 1.47
C HIS A 208 10.64 4.06 1.13
N GLN A 209 10.96 4.87 2.15
CA GLN A 209 11.65 6.15 1.94
C GLN A 209 13.06 5.94 1.44
N LEU A 210 13.49 6.86 0.58
CA LEU A 210 14.84 6.84 0.05
C LEU A 210 15.79 7.57 1.01
N THR A 211 16.77 6.86 1.56
CA THR A 211 17.61 7.39 2.65
C THR A 211 19.07 7.71 2.30
N GLY A 213 21.60 7.05 3.90
CA GLY A 213 22.31 5.80 4.10
C GLY A 213 22.56 5.09 2.80
N GLU A 214 21.48 4.80 2.06
CA GLU A 214 21.58 4.05 0.80
C GLU A 214 22.35 4.78 -0.31
N VAL A 215 22.10 6.08 -0.47
CA VAL A 215 22.81 6.88 -1.46
C VAL A 215 24.33 6.85 -1.25
N GLU A 216 24.76 6.89 0.01
CA GLU A 216 26.19 6.86 0.31
C GLU A 216 26.81 5.51 -0.05
N LYS A 217 26.06 4.45 0.14
CA LYS A 217 26.51 3.11 -0.23
C LYS A 217 26.51 2.93 -1.74
N ALA A 218 25.60 3.61 -2.42
CA ALA A 218 25.53 3.55 -3.87
C ALA A 218 26.73 4.28 -4.48
N LYS A 219 27.10 5.40 -3.89
CA LYS A 219 28.26 6.15 -4.34
C LYS A 219 29.49 5.26 -4.22
N GLU A 220 29.71 4.71 -3.02
CA GLU A 220 30.77 3.75 -2.78
C GLU A 220 30.81 2.63 -3.80
N TRP A 221 29.67 1.95 -3.99
CA TRP A 221 29.58 0.88 -4.96
C TRP A 221 29.95 1.38 -6.34
N TYR A 222 29.38 2.52 -6.72
CA TYR A 222 29.59 3.10 -8.05
C TYR A 222 31.05 3.39 -8.36
N ASP A 223 31.80 3.90 -7.38
CA ASP A 223 33.22 4.23 -7.57
C ASP A 223 34.04 2.99 -7.86
N LYS A 224 33.56 1.85 -7.35
CA LYS A 224 34.25 0.57 -7.48
C LYS A 224 33.84 -0.21 -8.73
N ALA A 225 32.67 0.09 -9.30
CA ALA A 225 32.19 -0.68 -10.44
C ALA A 225 32.43 0.06 -11.75
N PHE A 226 32.62 1.36 -11.65
CA PHE A 226 32.92 2.21 -12.79
C PHE A 226 33.98 3.24 -12.37
N ASN B 23 4.43 12.34 -4.13
CA ASN B 23 5.34 11.36 -3.47
C ASN B 23 4.95 11.10 -2.02
N ALA B 24 4.22 12.04 -1.41
CA ALA B 24 3.78 11.89 -0.01
C ALA B 24 2.50 11.06 0.08
N LYS B 27 -1.80 5.18 2.19
CA LYS B 27 -3.05 4.47 2.09
C LYS B 27 -4.03 5.22 2.96
N HIS B 28 -5.25 5.40 2.45
CA HIS B 28 -6.25 6.22 3.15
C HIS B 28 -7.67 5.95 2.64
N VAL B 29 -8.64 6.44 3.39
CA VAL B 29 -10.04 6.43 3.00
C VAL B 29 -10.63 7.82 3.19
N PHE B 30 -11.32 8.33 2.17
CA PHE B 30 -12.04 9.58 2.37
C PHE B 30 -13.56 9.48 2.23
N GLN B 31 -14.28 10.01 3.21
CA GLN B 31 -15.74 10.09 3.13
C GLN B 31 -16.18 11.55 3.22
N LYS B 32 -16.82 12.06 2.18
CA LYS B 32 -17.35 13.42 2.18
C LYS B 32 -18.48 13.44 3.20
N GLY B 33 -18.61 14.53 3.95
CA GLY B 33 -19.62 14.60 5.01
C GLY B 33 -20.89 15.30 4.57
N LYS B 34 -21.99 15.10 5.30
CA LYS B 34 -23.25 15.75 4.94
C LYS B 34 -23.19 17.25 5.25
N ASP B 35 -22.49 17.63 6.31
CA ASP B 35 -22.32 19.03 6.66
C ASP B 35 -20.87 19.48 6.50
N THR B 36 -20.57 20.12 5.37
CA THR B 36 -19.19 20.45 5.06
C THR B 36 -18.64 21.60 5.90
N SER B 37 -19.49 22.28 6.64
CA SER B 37 -19.01 23.38 7.48
C SER B 37 -18.35 22.86 8.75
N LYS B 38 -18.65 21.61 9.12
CA LYS B 38 -18.01 21.01 10.28
C LYS B 38 -16.54 20.68 9.99
N PRO B 39 -15.70 20.66 11.02
CA PRO B 39 -14.31 20.26 10.85
C PRO B 39 -14.16 18.89 10.17
N VAL B 40 -13.05 18.70 9.45
CA VAL B 40 -12.76 17.43 8.81
C VAL B 40 -11.98 16.57 9.79
N LEU B 41 -12.54 15.41 10.12
CA LEU B 41 -11.92 14.55 11.11
C LEU B 41 -10.81 13.71 10.52
N LEU B 42 -9.59 13.92 10.98
CA LEU B 42 -8.47 13.12 10.52
C LEU B 42 -8.23 11.99 11.50
N LEU B 43 -8.44 10.76 11.04
CA LEU B 43 -8.30 9.61 11.91
C LEU B 43 -6.93 8.90 11.84
N LEU B 44 -6.30 8.74 13.02
CA LEU B 44 -4.99 8.12 13.13
C LEU B 44 -4.98 6.94 14.12
N HIS B 45 -4.87 5.74 13.57
CA HIS B 45 -5.01 4.49 14.31
C HIS B 45 -3.86 4.24 15.25
N GLY B 46 -4.04 3.29 16.17
CA GLY B 46 -2.97 2.83 17.04
C GLY B 46 -2.02 1.84 16.37
N THR B 47 -1.02 1.37 17.13
CA THR B 47 0.02 0.44 16.67
C THR B 47 -0.55 -0.87 16.14
N GLY B 48 -0.20 -1.21 14.91
CA GLY B 48 -0.72 -2.44 14.30
C GLY B 48 -2.16 -2.31 13.83
N GLY B 49 -2.68 -1.09 13.87
CA GLY B 49 -4.04 -0.84 13.43
C GLY B 49 -4.06 -0.44 11.97
N ASN B 50 -5.12 0.23 11.55
CA ASN B 50 -5.28 0.62 10.15
C ASN B 50 -6.36 1.67 9.93
N GLU B 51 -6.52 2.07 8.68
CA GLU B 51 -7.39 3.19 8.35
C GLU B 51 -8.91 2.93 8.43
N LEU B 52 -9.34 1.69 8.64
CA LEU B 52 -10.77 1.44 8.82
C LEU B 52 -11.11 1.28 10.29
N ASP B 53 -10.08 1.19 11.13
CA ASP B 53 -10.22 1.05 12.58
C ASP B 53 -11.10 2.06 13.30
N LEU B 54 -10.93 3.34 12.96
CA LEU B 54 -11.55 4.41 13.73
C LEU B 54 -12.75 5.01 13.03
N LEU B 55 -13.17 4.46 11.89
CA LEU B 55 -14.35 5.00 11.23
C LEU B 55 -15.57 5.08 12.17
N PRO B 56 -15.82 4.02 12.98
CA PRO B 56 -16.98 4.10 13.88
C PRO B 56 -16.85 5.24 14.91
N LEU B 57 -15.62 5.62 15.24
CA LEU B 57 -15.35 6.73 16.16
C LEU B 57 -15.86 8.05 15.59
N ALA B 58 -15.65 8.26 14.30
CA ALA B 58 -16.09 9.47 13.66
C ALA B 58 -17.62 9.55 13.62
N GLU B 59 -18.26 8.41 13.33
CA GLU B 59 -19.71 8.33 13.27
C GLU B 59 -20.28 8.70 14.64
N ILE B 60 -19.66 8.22 15.71
CA ILE B 60 -20.08 8.61 17.05
C ILE B 60 -19.80 10.09 17.34
N VAL B 61 -18.59 10.55 17.06
CA VAL B 61 -18.19 11.90 17.47
C VAL B 61 -18.91 12.96 16.67
N ASP B 62 -19.09 12.71 15.37
CA ASP B 62 -19.82 13.64 14.52
C ASP B 62 -20.19 12.98 13.19
N SER B 63 -21.44 12.50 13.10
CA SER B 63 -21.90 11.78 11.93
C SER B 63 -21.94 12.57 10.61
N GLU B 64 -21.88 13.89 10.69
CA GLU B 64 -22.01 14.72 9.49
C GLU B 64 -20.66 15.23 8.98
N ALA B 65 -19.60 15.01 9.73
CA ALA B 65 -18.30 15.54 9.35
C ALA B 65 -17.63 14.71 8.26
N SER B 66 -16.94 15.39 7.34
CA SER B 66 -16.07 14.70 6.42
C SER B 66 -15.06 13.91 7.24
N VAL B 67 -14.53 12.84 6.67
CA VAL B 67 -13.57 12.02 7.37
C VAL B 67 -12.46 11.66 6.42
N LEU B 68 -11.24 11.81 6.90
CA LEU B 68 -10.07 11.27 6.23
C LEU B 68 -9.32 10.44 7.26
N SER B 69 -9.20 9.13 7.03
CA SER B 69 -8.45 8.33 7.95
C SER B 69 -7.37 7.61 7.17
N VAL B 70 -6.22 7.46 7.81
CA VAL B 70 -4.94 7.29 7.14
C VAL B 70 -4.22 6.10 7.75
N ARG B 71 -3.56 5.30 6.92
CA ARG B 71 -2.72 4.22 7.43
C ARG B 71 -1.29 4.73 7.57
N GLY B 72 -0.62 4.34 8.65
CA GLY B 72 0.76 4.71 8.85
C GLY B 72 1.60 4.07 7.76
N ASN B 73 2.75 4.66 7.47
CA ASN B 73 3.61 4.19 6.38
C ASN B 73 4.69 3.23 6.82
N VAL B 74 4.83 3.07 8.13
CA VAL B 74 5.90 2.29 8.68
C VAL B 74 5.35 0.94 9.14
N LEU B 75 6.18 -0.10 9.12
CA LEU B 75 5.77 -1.40 9.59
C LEU B 75 6.65 -1.86 10.75
N GLU B 76 6.02 -2.54 11.72
CA GLU B 76 6.77 -3.18 12.78
C GLU B 76 6.19 -4.59 12.93
N ASN B 77 7.01 -5.58 12.59
CA ASN B 77 6.56 -6.98 12.52
C ASN B 77 5.20 -7.14 11.85
N GLY B 78 5.08 -6.61 10.64
CA GLY B 78 3.87 -6.69 9.84
C GLY B 78 2.73 -5.85 10.38
N PRO B 80 1.15 -1.99 10.79
CA PRO B 80 1.26 -0.59 10.47
C PRO B 80 1.50 0.25 11.71
N ARG B 81 2.36 1.25 11.58
CA ARG B 81 2.60 2.26 12.61
C ARG B 81 2.86 3.54 11.84
N PHE B 82 2.80 4.68 12.50
CA PHE B 82 3.07 5.93 11.82
C PHE B 82 4.53 6.28 11.73
N PHE B 83 5.32 5.88 12.73
CA PHE B 83 6.75 6.16 12.71
C PHE B 83 7.49 5.09 13.48
N ARG B 84 8.82 5.12 13.39
CA ARG B 84 9.62 4.07 13.98
C ARG B 84 9.90 4.33 15.45
N ARG B 85 9.80 3.28 16.26
CA ARG B 85 10.21 3.35 17.65
C ARG B 85 11.38 2.40 17.93
N LEU B 86 12.06 2.63 19.05
CA LEU B 86 13.27 1.88 19.35
C LEU B 86 12.94 0.91 20.45
N ALA B 87 11.86 1.20 21.15
CA ALA B 87 11.39 0.40 22.24
C ALA B 87 10.06 1.01 22.65
N GLU B 88 9.29 0.31 23.46
CA GLU B 88 8.02 0.84 23.85
C GLU B 88 8.23 2.20 24.49
N GLY B 89 7.48 3.19 24.02
CA GLY B 89 7.52 4.54 24.58
C GLY B 89 8.73 5.38 24.18
N ILE B 90 9.56 4.83 23.30
CA ILE B 90 10.79 5.49 22.90
C ILE B 90 10.82 5.58 21.40
N PHE B 91 10.96 6.80 20.87
CA PHE B 91 10.83 7.03 19.46
C PHE B 91 12.15 7.28 18.74
N ASP B 92 12.22 6.76 17.51
CA ASP B 92 13.26 7.11 16.56
C ASP B 92 12.97 8.54 16.16
N GLU B 93 13.79 9.47 16.62
CA GLU B 93 13.49 10.89 16.49
C GLU B 93 13.60 11.38 15.05
N GLU B 94 14.53 10.80 14.31
CA GLU B 94 14.76 11.19 12.93
C GLU B 94 13.53 10.76 12.15
N ASP B 95 12.92 9.67 12.57
CA ASP B 95 11.76 9.15 11.84
C ASP B 95 10.49 9.87 12.21
N LEU B 96 10.32 10.13 13.49
CA LEU B 96 9.15 10.86 13.92
C LEU B 96 9.03 12.19 13.17
N ILE B 97 10.13 12.95 13.11
CA ILE B 97 10.17 14.19 12.36
C ILE B 97 9.81 13.95 10.89
N PHE B 98 10.44 12.96 10.29
CA PHE B 98 10.20 12.74 8.88
C PHE B 98 8.75 12.40 8.61
N ARG B 99 8.17 11.54 9.45
CA ARG B 99 6.83 11.02 9.19
C ARG B 99 5.77 12.08 9.46
N THR B 100 6.09 13.00 10.37
CA THR B 100 5.21 14.12 10.68
C THR B 100 5.19 15.09 9.50
N LYS B 101 6.37 15.33 8.92
CA LYS B 101 6.49 16.18 7.74
C LYS B 101 5.72 15.56 6.57
N GLU B 102 5.83 14.24 6.44
CA GLU B 102 5.16 13.50 5.39
C GLU B 102 3.65 13.51 5.59
N LEU B 103 3.19 13.36 6.82
CA LEU B 103 1.76 13.36 7.08
C LEU B 103 1.19 14.75 6.79
N ASN B 104 1.90 15.79 7.23
CA ASN B 104 1.52 17.17 6.99
C ASN B 104 1.37 17.50 5.51
N GLU B 105 2.37 17.10 4.71
CA GLU B 105 2.30 17.30 3.25
C GLU B 105 1.16 16.50 2.60
N PHE B 106 0.92 15.28 3.09
CA PHE B 106 -0.19 14.52 2.59
C PHE B 106 -1.50 15.27 2.81
N LEU B 107 -1.63 15.95 3.94
CA LEU B 107 -2.86 16.70 4.19
C LEU B 107 -3.00 17.84 3.16
N ASP B 108 -1.89 18.50 2.86
CA ASP B 108 -1.90 19.51 1.81
C ASP B 108 -2.43 18.92 0.52
N GLU B 109 -1.92 17.75 0.14
CA GLU B 109 -2.28 17.16 -1.14
C GLU B 109 -3.66 16.57 -1.08
N ALA B 110 -4.08 16.10 0.09
CA ALA B 110 -5.38 15.46 0.17
C ALA B 110 -6.52 16.48 0.10
N ALA B 111 -6.33 17.61 0.78
CA ALA B 111 -7.33 18.66 0.80
C ALA B 111 -7.55 19.16 -0.61
N LYS B 112 -6.48 19.21 -1.40
CA LYS B 112 -6.56 19.70 -2.77
C LYS B 112 -7.25 18.71 -3.67
N GLU B 113 -7.06 17.44 -3.38
CA GLU B 113 -7.62 16.33 -4.17
C GLU B 113 -9.11 16.09 -3.87
N TYR B 114 -9.47 16.06 -2.59
CA TYR B 114 -10.83 15.68 -2.21
C TYR B 114 -11.69 16.90 -1.95
N LYS B 115 -11.09 18.07 -2.03
CA LYS B 115 -11.84 19.33 -1.97
C LYS B 115 -12.43 19.57 -0.59
N PHE B 116 -11.63 19.34 0.45
CA PHE B 116 -12.02 19.67 1.82
C PHE B 116 -11.15 20.82 2.38
N ASP B 117 -11.55 21.34 3.53
CA ASP B 117 -10.98 22.54 4.08
C ASP B 117 -9.70 22.27 4.87
N ARG B 118 -8.56 22.43 4.19
CA ARG B 118 -7.23 22.18 4.80
C ARG B 118 -7.04 22.82 6.15
N ASN B 119 -7.72 23.94 6.37
CA ASN B 119 -7.54 24.73 7.57
C ASN B 119 -8.54 24.42 8.66
N ASN B 120 -9.32 23.36 8.47
CA ASN B 120 -10.31 23.00 9.47
C ASN B 120 -10.27 21.54 9.84
N ILE B 121 -9.06 21.04 10.11
CA ILE B 121 -8.88 19.63 10.40
C ILE B 121 -8.71 19.47 11.89
N VAL B 122 -9.51 18.55 12.45
CA VAL B 122 -9.40 18.15 13.84
C VAL B 122 -8.98 16.70 13.85
N ALA B 123 -7.88 16.38 14.50
CA ALA B 123 -7.40 15.01 14.53
C ALA B 123 -8.08 14.24 15.64
N ILE B 124 -8.37 12.98 15.38
CA ILE B 124 -8.74 12.07 16.44
C ILE B 124 -7.76 10.92 16.36
N GLY B 125 -6.83 10.84 17.30
CA GLY B 125 -5.79 9.82 17.25
C GLY B 125 -5.75 8.97 18.49
N TYR B 126 -5.36 7.71 18.34
CA TYR B 126 -5.22 6.82 19.48
C TYR B 126 -3.82 6.26 19.58
N SER B 127 -3.23 6.34 20.76
CA SER B 127 -1.93 5.74 20.98
C SER B 127 -0.87 6.25 19.99
N ASN B 128 -0.31 5.34 19.21
CA ASN B 128 0.68 5.73 18.21
C ASN B 128 0.16 6.88 17.37
N GLY B 129 -1.11 6.79 16.97
CA GLY B 129 -1.76 7.85 16.21
C GLY B 129 -1.94 9.12 17.01
N ALA B 130 -2.26 8.99 18.29
CA ALA B 130 -2.31 10.15 19.17
C ALA B 130 -0.94 10.86 19.18
N ASN B 131 0.12 10.07 19.13
CA ASN B 131 1.46 10.60 19.18
C ASN B 131 1.88 11.44 17.98
N ILE B 132 1.45 11.09 16.77
CA ILE B 132 1.87 11.86 15.60
C ILE B 132 0.96 13.06 15.43
N ALA B 133 -0.24 12.99 15.99
CA ALA B 133 -1.08 14.19 16.06
C ALA B 133 -0.40 15.17 17.01
N ALA B 134 0.02 14.68 18.18
CA ALA B 134 0.69 15.55 19.11
C ALA B 134 1.92 16.10 18.41
N SER B 135 2.49 15.33 17.49
CA SER B 135 3.69 15.77 16.83
C SER B 135 3.40 16.85 15.81
N LEU B 136 2.32 16.68 15.06
CA LEU B 136 1.88 17.69 14.10
C LEU B 136 1.78 19.01 14.85
N LEU B 137 1.03 19.00 15.95
CA LEU B 137 0.89 20.18 16.77
C LEU B 137 2.24 20.78 17.16
N PHE B 138 3.18 19.96 17.62
CA PHE B 138 4.45 20.50 18.09
C PHE B 138 5.22 21.17 16.96
N HIS B 139 5.06 20.65 15.75
CA HIS B 139 5.92 21.09 14.66
C HIS B 139 5.35 22.20 13.80
N TYR B 140 4.02 22.26 13.68
CA TYR B 140 3.36 23.09 12.67
C TYR B 140 2.16 23.86 13.21
N GLU B 141 2.23 25.19 13.29
CA GLU B 141 1.06 25.84 13.89
C GLU B 141 -0.17 25.65 13.02
N ASN B 142 0.08 25.30 11.76
CA ASN B 142 -1.00 25.31 10.81
C ASN B 142 -1.54 23.92 10.43
N ALA B 143 -0.92 22.87 10.95
CA ALA B 143 -1.36 21.50 10.62
C ALA B 143 -2.82 21.23 11.01
N LEU B 144 -3.19 21.47 12.26
CA LEU B 144 -4.53 21.14 12.73
C LEU B 144 -5.25 22.35 13.34
N LYS B 145 -6.59 22.30 13.35
CA LYS B 145 -7.41 23.29 14.06
C LYS B 145 -7.60 22.86 15.52
N GLY B 146 -7.61 21.55 15.73
CA GLY B 146 -7.63 20.96 17.06
C GLY B 146 -7.33 19.47 17.01
N ALA B 147 -7.28 18.83 18.17
CA ALA B 147 -7.07 17.39 18.19
C ALA B 147 -7.77 16.74 19.37
N VAL B 148 -8.23 15.52 19.17
CA VAL B 148 -8.60 14.64 20.27
C VAL B 148 -7.45 13.60 20.43
N LEU B 149 -6.87 13.50 21.62
CA LEU B 149 -5.73 12.61 21.79
C LEU B 149 -6.04 11.54 22.82
N HIS B 150 -6.27 10.33 22.33
CA HIS B 150 -6.52 9.21 23.21
C HIS B 150 -5.20 8.58 23.60
N HIS B 151 -4.77 8.84 24.82
CA HIS B 151 -3.61 8.17 25.38
C HIS B 151 -2.36 8.48 24.60
N PRO B 152 -1.99 9.78 24.50
CA PRO B 152 -0.79 10.29 23.88
C PRO B 152 0.38 10.32 24.84
N VAL B 154 4.39 12.62 25.19
CA VAL B 154 5.17 13.70 24.64
C VAL B 154 5.92 13.18 23.43
N PRO B 155 5.60 13.69 22.23
CA PRO B 155 6.22 13.30 20.97
C PRO B 155 7.71 13.61 20.89
N ARG B 156 8.13 14.75 21.45
CA ARG B 156 9.50 15.17 21.28
C ARG B 156 9.88 16.17 22.36
N ARG B 157 11.14 16.17 22.77
CA ARG B 157 11.63 17.17 23.73
C ARG B 157 12.90 17.84 23.19
N GLY B 158 13.24 19.00 23.77
CA GLY B 158 14.39 19.80 23.34
C GLY B 158 14.20 20.56 22.04
N GLN B 160 11.60 23.95 20.11
CA GLN B 160 10.62 25.02 20.26
C GLN B 160 9.31 24.60 19.56
N LEU B 161 8.22 24.50 20.32
CA LEU B 161 6.90 24.22 19.74
C LEU B 161 6.35 25.37 18.92
N ALA B 162 5.46 25.05 17.99
CA ALA B 162 4.69 26.06 17.29
C ALA B 162 3.77 26.87 18.24
N ASN B 163 3.43 28.09 17.83
CA ASN B 163 2.45 28.88 18.56
C ASN B 163 1.05 28.33 18.30
N LEU B 164 0.40 27.80 19.33
CA LEU B 164 -0.92 27.22 19.18
C LEU B 164 -2.03 28.04 19.80
N ALA B 165 -1.89 29.38 19.85
CA ALA B 165 -2.99 30.22 20.31
C ALA B 165 -4.19 29.96 19.43
N GLY B 166 -5.34 29.74 20.04
CA GLY B 166 -6.56 29.56 19.26
C GLY B 166 -6.82 28.13 18.86
N LYS B 167 -5.96 27.20 19.28
CA LYS B 167 -6.12 25.77 18.97
C LYS B 167 -6.58 24.96 20.18
N SER B 168 -7.40 23.94 19.94
CA SER B 168 -8.01 23.18 21.04
C SER B 168 -7.63 21.70 21.07
N VAL B 169 -7.28 21.22 22.26
CA VAL B 169 -6.85 19.87 22.42
C VAL B 169 -7.61 19.16 23.54
N PHE B 170 -8.04 17.94 23.26
CA PHE B 170 -8.67 17.11 24.26
C PHE B 170 -7.77 15.94 24.52
N ILE B 171 -7.32 15.76 25.76
CA ILE B 171 -6.51 14.59 26.08
C ILE B 171 -7.26 13.63 26.99
N ALA B 172 -7.30 12.37 26.59
CA ALA B 172 -7.91 11.33 27.38
C ALA B 172 -6.79 10.44 27.82
N ALA B 173 -6.56 10.35 29.13
CA ALA B 173 -5.45 9.53 29.65
C ALA B 173 -5.91 8.56 30.72
N GLY B 174 -5.05 7.58 31.04
CA GLY B 174 -5.37 6.57 32.06
C GLY B 174 -4.56 6.76 33.33
N THR B 175 -5.24 6.72 34.48
CA THR B 175 -4.57 6.94 35.77
C THR B 175 -3.66 5.79 36.14
N ASN B 176 -4.02 4.59 35.69
CA ASN B 176 -3.26 3.38 36.01
C ASN B 176 -2.59 2.79 34.77
N ASP B 177 -1.74 3.57 34.12
CA ASP B 177 -1.19 3.11 32.86
C ASP B 177 0.27 2.69 32.91
N PRO B 178 0.52 1.41 32.57
CA PRO B 178 1.84 0.81 32.49
C PRO B 178 2.58 1.25 31.25
N ILE B 179 1.84 1.75 30.27
CA ILE B 179 2.44 2.20 29.02
C ILE B 179 2.77 3.70 29.06
N CYS B 180 1.83 4.51 29.54
CA CYS B 180 2.09 5.95 29.68
C CYS B 180 1.69 6.54 31.03
N SER B 181 2.70 6.98 31.77
CA SER B 181 2.53 7.47 33.13
C SER B 181 1.71 8.74 33.15
N SER B 182 1.19 9.10 34.31
CA SER B 182 0.39 10.30 34.36
C SER B 182 1.27 11.53 34.51
N ALA B 183 2.52 11.33 34.91
CA ALA B 183 3.48 12.44 34.89
C ALA B 183 3.69 12.81 33.43
N GLU B 184 3.78 11.79 32.60
CA GLU B 184 3.86 11.96 31.17
C GLU B 184 2.68 12.76 30.59
N SER B 185 1.45 12.31 30.83
CA SER B 185 0.27 13.03 30.35
C SER B 185 0.26 14.47 30.83
N GLU B 186 0.60 14.67 32.10
CA GLU B 186 0.60 16.01 32.65
C GLU B 186 1.62 16.87 31.91
N GLU B 187 2.83 16.35 31.71
CA GLU B 187 3.85 17.09 30.97
C GLU B 187 3.39 17.54 29.60
N LEU B 188 2.68 16.66 28.89
CA LEU B 188 2.16 17.00 27.57
C LEU B 188 1.23 18.19 27.68
N LYS B 189 0.27 18.13 28.60
CA LYS B 189 -0.63 19.27 28.77
C LYS B 189 0.13 20.56 29.05
N VAL B 190 1.07 20.51 29.99
CA VAL B 190 1.90 21.67 30.31
C VAL B 190 2.52 22.23 29.03
N LEU B 191 3.14 21.36 28.25
CA LEU B 191 3.78 21.78 27.01
C LEU B 191 2.80 22.49 26.10
N LEU B 192 1.68 21.84 25.84
CA LEU B 192 0.67 22.41 24.97
C LEU B 192 0.13 23.73 25.51
N GLU B 193 -0.07 23.83 26.83
CA GLU B 193 -0.62 25.07 27.39
C GLU B 193 0.37 26.22 27.36
N ASN B 194 1.65 25.88 27.53
CA ASN B 194 2.74 26.85 27.41
C ASN B 194 2.95 27.26 25.99
N ALA B 195 2.34 26.54 25.08
CA ALA B 195 2.36 26.93 23.68
C ALA B 195 1.04 27.58 23.28
N ASN B 196 0.22 27.92 24.28
CA ASN B 196 -0.99 28.73 24.10
C ASN B 196 -2.25 28.00 23.69
N ALA B 197 -2.19 26.68 23.65
CA ALA B 197 -3.36 25.90 23.32
C ALA B 197 -4.32 25.78 24.51
N ASN B 198 -5.58 25.56 24.20
CA ASN B 198 -6.58 25.17 25.16
C ASN B 198 -6.55 23.68 25.37
N VAL B 199 -6.27 23.21 26.57
CA VAL B 199 -6.25 21.78 26.77
C VAL B 199 -7.33 21.38 27.77
N THR B 200 -8.25 20.52 27.35
CA THR B 200 -9.12 19.86 28.30
C THR B 200 -8.50 18.51 28.59
N HIS B 202 -9.06 14.68 30.48
CA HIS B 202 -10.05 13.76 30.99
C HIS B 202 -9.37 12.47 31.42
N TRP B 203 -9.69 11.99 32.63
CA TRP B 203 -9.03 10.80 33.17
C TRP B 203 -9.91 9.55 33.23
N GLU B 204 -9.34 8.43 32.79
CA GLU B 204 -10.02 7.15 32.80
C GLU B 204 -9.32 6.15 33.70
N ASN B 205 -10.06 5.08 33.97
CA ASN B 205 -9.68 4.11 34.96
C ASN B 205 -9.17 2.83 34.35
N ARG B 206 -9.67 2.49 33.17
CA ARG B 206 -9.36 1.20 32.57
C ARG B 206 -8.08 1.16 31.74
N GLY B 207 -7.01 1.69 32.31
CA GLY B 207 -5.68 1.48 31.73
C GLY B 207 -5.43 2.12 30.38
N HIS B 208 -4.86 1.35 29.47
CA HIS B 208 -4.43 1.89 28.18
C HIS B 208 -5.49 1.72 27.09
N GLN B 209 -6.58 1.04 27.40
CA GLN B 209 -7.58 0.84 26.39
C GLN B 209 -8.47 2.08 26.21
N LEU B 210 -8.91 2.29 24.97
CA LEU B 210 -9.81 3.38 24.62
C LEU B 210 -11.22 2.98 25.02
N THR B 211 -11.86 3.77 25.89
CA THR B 211 -13.13 3.39 26.51
C THR B 211 -14.29 4.23 26.01
N GLY B 213 -16.70 5.74 27.66
CA GLY B 213 -16.97 6.94 28.43
C GLY B 213 -16.06 8.05 27.95
N GLU B 214 -14.84 7.66 27.62
CA GLU B 214 -13.81 8.59 27.15
C GLU B 214 -14.17 9.23 25.81
N VAL B 215 -14.84 8.46 24.96
CA VAL B 215 -15.29 8.97 23.68
C VAL B 215 -16.43 9.98 23.81
N GLU B 216 -17.31 9.77 24.78
CA GLU B 216 -18.42 10.68 25.00
C GLU B 216 -17.94 12.06 25.40
N LYS B 217 -17.13 12.12 26.45
CA LYS B 217 -16.51 13.35 26.89
C LYS B 217 -15.80 14.06 25.74
N ALA B 218 -15.12 13.30 24.89
CA ALA B 218 -14.50 13.86 23.70
C ALA B 218 -15.56 14.55 22.85
N LYS B 219 -16.68 13.86 22.60
CA LYS B 219 -17.77 14.40 21.80
C LYS B 219 -18.43 15.61 22.43
N GLU B 220 -18.68 15.56 23.72
CA GLU B 220 -19.21 16.70 24.42
C GLU B 220 -18.30 17.89 24.20
N TRP B 221 -17.02 17.72 24.55
CA TRP B 221 -16.02 18.74 24.34
C TRP B 221 -16.07 19.23 22.89
N TYR B 222 -15.87 18.33 21.96
CA TYR B 222 -15.93 18.64 20.53
C TYR B 222 -17.14 19.47 20.16
N ASP B 223 -18.33 19.01 20.54
CA ASP B 223 -19.55 19.78 20.24
C ASP B 223 -19.49 21.20 20.76
N LYS B 224 -18.97 21.38 21.98
CA LYS B 224 -18.76 22.72 22.55
C LYS B 224 -17.70 23.53 21.81
N ALA B 225 -16.56 22.90 21.49
CA ALA B 225 -15.40 23.63 20.96
C ALA B 225 -15.48 24.02 19.48
N PHE B 226 -16.49 23.50 18.78
CA PHE B 226 -16.64 23.79 17.35
C PHE B 226 -18.11 23.91 16.92
N ALA C 24 -15.12 -10.95 18.48
N ALA C 24 -13.81 -11.48 18.72
CA ALA C 24 -15.14 -11.49 17.09
CA ALA C 24 -13.83 -11.55 17.23
C ALA C 24 -14.24 -12.73 16.94
C ALA C 24 -13.42 -12.94 16.71
N LYS C 27 -9.90 -12.13 12.83
CA LYS C 27 -9.39 -10.78 12.69
C LYS C 27 -9.77 -10.27 11.30
N HIS C 28 -10.29 -9.05 11.23
CA HIS C 28 -10.87 -8.55 9.99
C HIS C 28 -10.92 -7.05 10.00
N VAL C 29 -11.24 -6.47 8.84
CA VAL C 29 -11.57 -5.05 8.77
C VAL C 29 -12.86 -4.83 7.99
N PHE C 30 -13.63 -3.82 8.39
CA PHE C 30 -14.87 -3.48 7.70
C PHE C 30 -14.89 -2.02 7.21
N GLN C 31 -15.43 -1.82 6.01
CA GLN C 31 -15.78 -0.48 5.57
C GLN C 31 -17.17 -0.44 4.95
N LYS C 32 -17.99 0.50 5.42
CA LYS C 32 -19.37 0.66 4.99
C LYS C 32 -19.40 1.40 3.64
N GLY C 33 -20.28 0.97 2.73
CA GLY C 33 -20.26 1.49 1.36
C GLY C 33 -21.17 2.69 1.12
N LYS C 34 -20.84 3.52 0.14
CA LYS C 34 -21.70 4.67 -0.14
C LYS C 34 -23.05 4.13 -0.58
N ASP C 35 -23.03 3.12 -1.45
CA ASP C 35 -24.27 2.50 -1.91
C ASP C 35 -24.44 1.08 -1.34
N THR C 36 -25.41 0.93 -0.44
CA THR C 36 -25.63 -0.33 0.25
C THR C 36 -26.62 -1.25 -0.48
N SER C 37 -26.98 -0.87 -1.70
CA SER C 37 -27.86 -1.70 -2.51
C SER C 37 -26.98 -2.58 -3.39
N LYS C 38 -25.69 -2.24 -3.41
CA LYS C 38 -24.70 -3.04 -4.14
C LYS C 38 -24.29 -4.23 -3.28
N PRO C 39 -23.78 -5.30 -3.91
CA PRO C 39 -23.36 -6.45 -3.14
C PRO C 39 -22.30 -6.05 -2.13
N VAL C 40 -21.80 -7.02 -1.40
CA VAL C 40 -20.89 -6.74 -0.33
C VAL C 40 -19.68 -7.58 -0.62
N LEU C 41 -18.50 -6.97 -0.65
CA LEU C 41 -17.31 -7.69 -1.06
C LEU C 41 -16.55 -8.30 0.10
N LEU C 42 -16.44 -9.62 0.09
CA LEU C 42 -15.69 -10.31 1.11
C LEU C 42 -14.33 -10.69 0.53
N LEU C 43 -13.26 -10.03 0.97
CA LEU C 43 -11.94 -10.28 0.39
C LEU C 43 -11.22 -11.35 1.20
N LEU C 44 -10.56 -12.28 0.51
CA LEU C 44 -9.83 -13.37 1.16
C LEU C 44 -8.42 -13.52 0.56
N HIS C 45 -7.40 -13.16 1.32
CA HIS C 45 -6.03 -13.09 0.82
C HIS C 45 -5.42 -14.44 0.46
N GLY C 46 -4.29 -14.40 -0.27
CA GLY C 46 -3.49 -15.60 -0.54
C GLY C 46 -2.57 -15.96 0.63
N THR C 47 -1.90 -17.11 0.56
CA THR C 47 -0.98 -17.50 1.63
C THR C 47 0.04 -16.40 1.85
N GLY C 48 0.34 -16.14 3.12
CA GLY C 48 1.25 -15.07 3.48
C GLY C 48 0.68 -13.65 3.54
N GLY C 49 -0.39 -13.38 2.80
CA GLY C 49 -0.98 -12.04 2.83
C GLY C 49 -1.77 -11.78 4.12
N ASN C 50 -2.59 -10.74 4.11
CA ASN C 50 -3.43 -10.45 5.28
C ASN C 50 -4.64 -9.64 4.89
N GLU C 51 -5.35 -9.12 5.88
CA GLU C 51 -6.64 -8.55 5.62
C GLU C 51 -6.60 -7.23 4.87
N LEU C 52 -5.41 -6.70 4.64
CA LEU C 52 -5.29 -5.42 3.96
C LEU C 52 -4.87 -5.53 2.48
N ASP C 53 -4.23 -6.64 2.11
CA ASP C 53 -3.65 -6.80 0.78
C ASP C 53 -4.63 -6.51 -0.35
N LEU C 54 -5.84 -7.07 -0.26
CA LEU C 54 -6.78 -7.03 -1.38
C LEU C 54 -7.71 -5.82 -1.40
N LEU C 55 -7.59 -4.96 -0.39
CA LEU C 55 -8.41 -3.75 -0.37
C LEU C 55 -8.49 -3.08 -1.75
N PRO C 56 -7.34 -2.83 -2.39
CA PRO C 56 -7.40 -2.16 -3.69
C PRO C 56 -8.29 -2.86 -4.75
N LEU C 57 -8.47 -4.18 -4.64
CA LEU C 57 -9.38 -4.83 -5.60
C LEU C 57 -10.83 -4.40 -5.38
N ALA C 58 -11.19 -4.09 -4.15
CA ALA C 58 -12.55 -3.68 -3.88
C ALA C 58 -12.80 -2.30 -4.48
N GLU C 59 -11.85 -1.37 -4.31
CA GLU C 59 -11.92 -0.09 -5.00
C GLU C 59 -12.18 -0.28 -6.48
N ILE C 60 -11.39 -1.14 -7.12
CA ILE C 60 -11.48 -1.31 -8.55
C ILE C 60 -12.76 -1.99 -8.96
N VAL C 61 -13.13 -3.06 -8.28
CA VAL C 61 -14.32 -3.83 -8.68
C VAL C 61 -15.62 -3.08 -8.40
N ASP C 62 -15.77 -2.51 -7.21
CA ASP C 62 -16.96 -1.69 -6.93
C ASP C 62 -16.70 -0.70 -5.81
N SER C 63 -16.25 0.50 -6.19
CA SER C 63 -15.84 1.52 -5.22
C SER C 63 -16.95 1.89 -4.22
N GLU C 64 -18.20 1.80 -4.66
CA GLU C 64 -19.36 2.13 -3.83
C GLU C 64 -19.82 1.01 -2.87
N ALA C 65 -19.10 -0.10 -2.81
CA ALA C 65 -19.61 -1.28 -2.12
C ALA C 65 -18.98 -1.52 -0.75
N SER C 66 -19.74 -2.07 0.19
CA SER C 66 -19.19 -2.40 1.49
C SER C 66 -18.12 -3.46 1.35
N VAL C 67 -17.19 -3.48 2.27
CA VAL C 67 -16.06 -4.40 2.17
C VAL C 67 -15.80 -5.09 3.51
N LEU C 68 -15.75 -6.41 3.46
CA LEU C 68 -15.34 -7.19 4.61
C LEU C 68 -14.13 -8.02 4.17
N SER C 69 -12.98 -7.72 4.78
CA SER C 69 -11.74 -8.38 4.41
C SER C 69 -11.15 -9.06 5.64
N VAL C 70 -10.91 -10.36 5.51
CA VAL C 70 -10.61 -11.21 6.67
C VAL C 70 -9.19 -11.80 6.64
N ARG C 71 -8.61 -12.00 7.81
CA ARG C 71 -7.35 -12.72 7.84
C ARG C 71 -7.60 -14.17 8.28
N GLY C 72 -6.89 -15.10 7.65
CA GLY C 72 -7.00 -16.52 7.98
C GLY C 72 -6.53 -16.76 9.39
N ASN C 73 -7.06 -17.83 10.01
CA ASN C 73 -6.83 -18.11 11.43
C ASN C 73 -5.73 -19.10 11.67
N VAL C 74 -5.01 -19.48 10.62
CA VAL C 74 -4.01 -20.51 10.71
C VAL C 74 -2.64 -19.92 10.38
N LEU C 75 -1.61 -20.32 11.10
CA LEU C 75 -0.27 -19.90 10.79
C LEU C 75 0.51 -21.03 10.13
N GLU C 76 1.36 -20.69 9.16
CA GLU C 76 2.29 -21.64 8.56
C GLU C 76 3.65 -20.95 8.43
N ASN C 77 4.49 -21.08 9.47
CA ASN C 77 5.71 -20.28 9.60
C ASN C 77 5.43 -18.79 9.76
N GLY C 78 4.45 -18.42 10.57
CA GLY C 78 4.09 -17.01 10.70
C GLY C 78 3.40 -16.42 9.47
N PRO C 80 0.03 -16.14 7.53
CA PRO C 80 -1.42 -16.35 7.65
C PRO C 80 -2.01 -17.16 6.49
N ARG C 81 -2.89 -18.11 6.83
CA ARG C 81 -3.61 -18.90 5.85
C ARG C 81 -5.01 -19.17 6.38
N PHE C 82 -5.88 -19.67 5.51
CA PHE C 82 -7.26 -19.97 5.89
C PHE C 82 -7.46 -21.39 6.41
N PHE C 83 -6.57 -22.30 6.05
CA PHE C 83 -6.63 -23.64 6.61
C PHE C 83 -5.31 -24.35 6.38
N ARG C 84 -5.01 -25.32 7.24
CA ARG C 84 -3.75 -26.05 7.13
C ARG C 84 -3.67 -26.86 5.83
N ARG C 85 -2.44 -27.05 5.36
CA ARG C 85 -2.19 -28.03 4.33
C ARG C 85 -1.09 -28.95 4.84
N LEU C 86 -0.85 -30.05 4.12
CA LEU C 86 0.17 -31.03 4.51
C LEU C 86 1.40 -30.95 3.61
N ALA C 87 1.18 -30.48 2.39
CA ALA C 87 2.26 -30.09 1.49
C ALA C 87 1.52 -29.13 0.59
N GLU C 88 2.17 -28.54 -0.39
CA GLU C 88 1.38 -27.66 -1.23
C GLU C 88 0.43 -28.52 -2.07
N GLY C 89 -0.80 -28.03 -2.23
CA GLY C 89 -1.80 -28.73 -3.05
C GLY C 89 -2.48 -29.92 -2.40
N ILE C 90 -2.10 -30.24 -1.15
CA ILE C 90 -2.70 -31.34 -0.43
C ILE C 90 -3.15 -30.84 0.94
N PHE C 91 -4.45 -30.69 1.07
CA PHE C 91 -5.04 -30.01 2.22
C PHE C 91 -5.32 -30.94 3.39
N ASP C 92 -5.17 -30.39 4.59
CA ASP C 92 -5.63 -31.07 5.78
C ASP C 92 -7.13 -30.95 5.71
N GLU C 93 -7.77 -31.98 5.17
CA GLU C 93 -9.19 -31.94 4.91
C GLU C 93 -10.01 -31.71 6.19
N GLU C 94 -9.62 -32.31 7.32
CA GLU C 94 -10.36 -32.04 8.54
C GLU C 94 -10.40 -30.56 8.89
N ASP C 95 -9.28 -29.86 8.73
CA ASP C 95 -9.20 -28.47 9.13
C ASP C 95 -9.94 -27.59 8.12
N LEU C 96 -9.83 -27.92 6.84
CA LEU C 96 -10.55 -27.18 5.83
C LEU C 96 -12.06 -27.18 6.10
N ILE C 97 -12.62 -28.37 6.36
CA ILE C 97 -14.03 -28.48 6.68
C ILE C 97 -14.35 -27.55 7.84
N PHE C 98 -13.48 -27.58 8.85
CA PHE C 98 -13.66 -26.77 10.03
C PHE C 98 -13.55 -25.28 9.75
N ARG C 99 -12.54 -24.85 9.01
CA ARG C 99 -12.38 -23.43 8.79
C ARG C 99 -13.50 -22.93 7.87
N THR C 100 -14.01 -23.81 7.02
CA THR C 100 -15.09 -23.40 6.16
C THR C 100 -16.33 -23.06 7.00
N LYS C 101 -16.63 -23.88 7.99
CA LYS C 101 -17.78 -23.67 8.88
C LYS C 101 -17.61 -22.43 9.75
N GLU C 102 -16.39 -22.22 10.19
CA GLU C 102 -16.08 -21.10 11.05
C GLU C 102 -16.23 -19.77 10.30
N LEU C 103 -15.77 -19.73 9.04
CA LEU C 103 -15.89 -18.55 8.20
C LEU C 103 -17.33 -18.26 7.89
N ASN C 104 -18.09 -19.30 7.57
CA ASN C 104 -19.53 -19.15 7.34
C ASN C 104 -20.24 -18.57 8.58
N GLU C 105 -19.99 -19.11 9.76
CA GLU C 105 -20.56 -18.51 10.96
C GLU C 105 -20.03 -17.07 11.21
N PHE C 106 -18.77 -16.82 10.88
CA PHE C 106 -18.27 -15.45 10.99
C PHE C 106 -19.12 -14.52 10.13
N LEU C 107 -19.42 -14.93 8.91
CA LEU C 107 -20.21 -14.09 8.02
C LEU C 107 -21.57 -13.78 8.65
N ASP C 108 -22.18 -14.82 9.23
CA ASP C 108 -23.43 -14.67 9.98
C ASP C 108 -23.32 -13.57 11.03
N GLU C 109 -22.26 -13.61 11.85
CA GLU C 109 -22.09 -12.66 12.94
C GLU C 109 -21.70 -11.28 12.45
N ALA C 110 -20.84 -11.23 11.44
CA ALA C 110 -20.37 -9.94 10.91
C ALA C 110 -21.50 -9.17 10.23
N ALA C 111 -22.33 -9.87 9.47
CA ALA C 111 -23.45 -9.19 8.84
C ALA C 111 -24.33 -8.51 9.87
N LYS C 112 -24.50 -9.17 11.02
CA LYS C 112 -25.35 -8.65 12.10
C LYS C 112 -24.68 -7.50 12.86
N GLU C 113 -23.37 -7.59 13.01
CA GLU C 113 -22.64 -6.62 13.80
C GLU C 113 -22.55 -5.33 13.06
N TYR C 114 -22.29 -5.42 11.76
CA TYR C 114 -21.97 -4.27 10.92
C TYR C 114 -23.12 -3.84 10.01
N LYS C 115 -24.27 -4.49 10.16
CA LYS C 115 -25.45 -4.14 9.37
C LYS C 115 -25.20 -4.13 7.87
N PHE C 116 -24.92 -5.29 7.28
CA PHE C 116 -24.88 -5.42 5.83
C PHE C 116 -25.67 -6.69 5.41
N ASP C 117 -26.04 -6.78 4.14
CA ASP C 117 -26.88 -7.85 3.65
C ASP C 117 -26.15 -9.19 3.64
N ARG C 118 -26.49 -10.05 4.58
CA ARG C 118 -25.86 -11.36 4.70
C ARG C 118 -26.15 -12.19 3.47
N ASN C 119 -27.14 -11.77 2.69
CA ASN C 119 -27.63 -12.55 1.56
C ASN C 119 -27.19 -11.99 0.22
N ASN C 120 -26.23 -11.09 0.23
CA ASN C 120 -25.76 -10.47 -0.99
C ASN C 120 -24.27 -10.26 -0.87
N ILE C 121 -23.55 -11.35 -0.62
CA ILE C 121 -22.10 -11.29 -0.52
C ILE C 121 -21.45 -11.95 -1.72
N VAL C 122 -20.52 -11.22 -2.32
CA VAL C 122 -19.70 -11.70 -3.40
C VAL C 122 -18.30 -11.79 -2.85
N ALA C 123 -17.77 -13.02 -2.78
CA ALA C 123 -16.40 -13.22 -2.34
C ALA C 123 -15.44 -12.82 -3.44
N ILE C 124 -14.28 -12.29 -3.05
CA ILE C 124 -13.19 -12.05 -3.98
C ILE C 124 -12.01 -12.65 -3.31
N GLY C 125 -11.47 -13.71 -3.89
CA GLY C 125 -10.42 -14.47 -3.20
C GLY C 125 -9.24 -14.79 -4.07
N TYR C 126 -8.06 -14.73 -3.49
CA TYR C 126 -6.85 -15.01 -4.23
C TYR C 126 -6.20 -16.26 -3.68
N SER C 127 -5.89 -17.20 -4.57
CA SER C 127 -5.09 -18.35 -4.19
C SER C 127 -5.77 -19.11 -3.05
N ASN C 128 -5.11 -19.20 -1.90
CA ASN C 128 -5.66 -19.90 -0.74
C ASN C 128 -7.03 -19.39 -0.37
N GLY C 129 -7.16 -18.08 -0.27
CA GLY C 129 -8.46 -17.47 -0.03
C GLY C 129 -9.50 -17.89 -1.04
N ALA C 130 -9.10 -18.05 -2.29
CA ALA C 130 -10.04 -18.43 -3.32
C ALA C 130 -10.47 -19.86 -3.03
N ASN C 131 -9.53 -20.63 -2.47
CA ASN C 131 -9.81 -22.01 -2.10
C ASN C 131 -10.85 -22.13 -1.01
N ILE C 132 -10.80 -21.25 0.00
CA ILE C 132 -11.82 -21.35 1.01
C ILE C 132 -13.16 -20.77 0.52
N ALA C 133 -13.11 -19.85 -0.42
CA ALA C 133 -14.33 -19.34 -1.00
C ALA C 133 -14.99 -20.47 -1.77
N ALA C 134 -14.19 -21.27 -2.46
CA ALA C 134 -14.72 -22.41 -3.20
C ALA C 134 -15.31 -23.42 -2.23
N SER C 135 -14.68 -23.59 -1.08
CA SER C 135 -15.20 -24.51 -0.09
C SER C 135 -16.55 -24.04 0.47
N LEU C 136 -16.76 -22.72 0.55
CA LEU C 136 -18.04 -22.26 1.03
C LEU C 136 -19.09 -22.71 0.05
N LEU C 137 -18.85 -22.47 -1.22
CA LEU C 137 -19.79 -22.85 -2.26
C LEU C 137 -20.09 -24.35 -2.27
N PHE C 138 -19.06 -25.19 -2.11
CA PHE C 138 -19.27 -26.64 -2.08
C PHE C 138 -20.17 -27.07 -0.92
N HIS C 139 -19.92 -26.52 0.27
CA HIS C 139 -20.56 -26.97 1.50
C HIS C 139 -21.87 -26.28 1.87
N TYR C 140 -22.13 -25.12 1.29
CA TYR C 140 -23.19 -24.25 1.82
C TYR C 140 -23.91 -23.45 0.74
N GLU C 141 -25.17 -23.80 0.50
CA GLU C 141 -25.92 -23.10 -0.54
C GLU C 141 -26.08 -21.60 -0.28
N ASN C 142 -26.29 -21.20 0.98
CA ASN C 142 -26.63 -19.79 1.25
C ASN C 142 -25.45 -18.96 1.69
N ALA C 143 -24.26 -19.52 1.63
CA ALA C 143 -23.09 -18.83 2.16
C ALA C 143 -22.73 -17.61 1.33
N LEU C 144 -22.71 -17.75 0.01
CA LEU C 144 -22.32 -16.67 -0.88
C LEU C 144 -23.36 -16.48 -1.98
N LYS C 145 -23.39 -15.28 -2.57
CA LYS C 145 -24.29 -15.01 -3.66
C LYS C 145 -23.53 -15.14 -4.97
N GLY C 146 -22.24 -14.85 -4.90
CA GLY C 146 -21.36 -15.00 -6.05
C GLY C 146 -19.95 -15.08 -5.52
N ALA C 147 -19.00 -15.35 -6.42
CA ALA C 147 -17.60 -15.38 -6.02
C ALA C 147 -16.71 -15.07 -7.21
N VAL C 148 -15.74 -14.19 -7.00
CA VAL C 148 -14.63 -14.07 -7.92
C VAL C 148 -13.45 -14.88 -7.35
N LEU C 149 -13.10 -15.96 -8.04
CA LEU C 149 -12.06 -16.87 -7.57
C LEU C 149 -10.83 -16.73 -8.45
N HIS C 150 -9.79 -16.13 -7.89
CA HIS C 150 -8.54 -15.93 -8.57
C HIS C 150 -7.65 -17.10 -8.20
N HIS C 151 -7.36 -17.96 -9.19
CA HIS C 151 -6.43 -19.10 -9.04
C HIS C 151 -6.84 -20.16 -8.00
N PRO C 152 -8.08 -20.67 -8.08
CA PRO C 152 -8.50 -21.70 -7.14
C PRO C 152 -8.10 -23.10 -7.55
N VAL C 154 -9.66 -27.32 -6.77
CA VAL C 154 -10.79 -28.04 -6.25
C VAL C 154 -10.57 -28.20 -4.76
N PRO C 155 -11.46 -27.67 -3.92
CA PRO C 155 -11.25 -27.80 -2.47
C PRO C 155 -11.47 -29.21 -1.90
N ARG C 156 -12.47 -29.94 -2.40
CA ARG C 156 -12.76 -31.30 -1.93
C ARG C 156 -13.32 -32.17 -3.03
N ARG C 157 -12.87 -33.42 -3.05
CA ARG C 157 -13.34 -34.33 -4.07
C ARG C 157 -14.25 -35.44 -3.54
N GLY C 158 -15.07 -35.98 -4.44
CA GLY C 158 -15.86 -37.18 -4.15
C GLY C 158 -16.97 -36.82 -3.20
N GLN C 160 -20.77 -34.79 -2.46
CA GLN C 160 -22.03 -34.34 -3.02
C GLN C 160 -22.16 -32.85 -2.74
N LEU C 161 -22.21 -32.03 -3.80
CA LEU C 161 -22.15 -30.58 -3.67
C LEU C 161 -23.47 -29.93 -3.29
N ALA C 162 -23.40 -28.70 -2.79
CA ALA C 162 -24.59 -27.90 -2.57
C ALA C 162 -25.24 -27.56 -3.91
N ASN C 163 -26.51 -27.17 -3.88
CA ASN C 163 -27.18 -26.67 -5.07
C ASN C 163 -26.90 -25.19 -5.26
N LEU C 164 -26.29 -24.84 -6.39
CA LEU C 164 -25.85 -23.47 -6.60
C LEU C 164 -26.64 -22.74 -7.70
N ALA C 165 -27.88 -23.19 -7.92
CA ALA C 165 -28.77 -22.50 -8.85
C ALA C 165 -28.85 -21.01 -8.49
N GLY C 166 -28.76 -20.16 -9.50
CA GLY C 166 -28.82 -18.72 -9.28
C GLY C 166 -27.60 -18.09 -8.64
N LYS C 167 -26.50 -18.84 -8.50
CA LYS C 167 -25.26 -18.24 -8.04
C LYS C 167 -24.36 -17.96 -9.23
N SER C 168 -23.61 -16.86 -9.15
CA SER C 168 -22.68 -16.52 -10.20
C SER C 168 -21.23 -16.59 -9.74
N VAL C 169 -20.42 -17.31 -10.50
CA VAL C 169 -19.03 -17.55 -10.14
C VAL C 169 -18.09 -17.21 -11.31
N PHE C 170 -17.03 -16.48 -11.01
CA PHE C 170 -16.07 -16.07 -12.01
C PHE C 170 -14.75 -16.69 -11.63
N ILE C 171 -14.23 -17.56 -12.48
CA ILE C 171 -12.91 -18.16 -12.23
C ILE C 171 -11.81 -17.55 -13.11
N ALA C 172 -10.71 -17.14 -12.48
CA ALA C 172 -9.55 -16.66 -13.20
C ALA C 172 -8.42 -17.64 -12.95
N ALA C 173 -7.98 -18.33 -13.99
CA ALA C 173 -6.95 -19.33 -13.83
C ALA C 173 -5.75 -18.96 -14.69
N GLY C 174 -4.56 -19.40 -14.29
CA GLY C 174 -3.36 -19.04 -15.01
C GLY C 174 -2.74 -20.19 -15.78
N THR C 175 -2.07 -19.86 -16.87
CA THR C 175 -1.18 -20.80 -17.52
C THR C 175 0.26 -20.26 -17.38
N ASN C 176 1.25 -21.06 -17.74
CA ASN C 176 2.63 -20.69 -17.51
C ASN C 176 2.84 -20.48 -16.01
N ASP C 177 2.19 -21.34 -15.22
CA ASP C 177 1.99 -21.12 -13.78
C ASP C 177 2.60 -22.26 -12.96
N PRO C 178 3.67 -21.96 -12.20
CA PRO C 178 4.38 -22.94 -11.39
C PRO C 178 3.52 -23.63 -10.33
N ILE C 179 2.49 -22.94 -9.81
CA ILE C 179 1.63 -23.52 -8.80
C ILE C 179 0.40 -24.24 -9.38
N CYS C 180 -0.28 -23.61 -10.35
CA CYS C 180 -1.60 -24.09 -10.82
C CYS C 180 -1.55 -25.00 -12.04
N SER C 181 -2.41 -26.02 -12.07
CA SER C 181 -2.56 -26.85 -13.24
C SER C 181 -3.91 -26.55 -13.90
N SER C 182 -3.93 -26.48 -15.22
CA SER C 182 -5.15 -26.16 -15.95
C SER C 182 -6.25 -27.21 -15.83
N ALA C 183 -5.87 -28.48 -15.82
CA ALA C 183 -6.85 -29.55 -15.70
C ALA C 183 -7.57 -29.40 -14.36
N GLU C 184 -6.81 -29.04 -13.34
CA GLU C 184 -7.35 -28.80 -12.02
C GLU C 184 -8.45 -27.74 -12.04
N SER C 185 -8.20 -26.66 -12.77
CA SER C 185 -9.17 -25.58 -12.84
C SER C 185 -10.42 -25.93 -13.66
N GLU C 186 -10.27 -26.62 -14.78
CA GLU C 186 -11.43 -27.03 -15.57
C GLU C 186 -12.31 -28.01 -14.82
N GLU C 187 -11.69 -28.86 -14.03
CA GLU C 187 -12.44 -29.79 -13.22
C GLU C 187 -13.29 -29.03 -12.20
N LEU C 188 -12.72 -27.98 -11.60
CA LEU C 188 -13.49 -27.13 -10.69
C LEU C 188 -14.67 -26.50 -11.43
N LYS C 189 -14.41 -26.00 -12.63
CA LYS C 189 -15.48 -25.45 -13.47
C LYS C 189 -16.60 -26.46 -13.64
N VAL C 190 -16.23 -27.70 -13.95
CA VAL C 190 -17.23 -28.69 -14.25
C VAL C 190 -18.01 -29.00 -12.97
N LEU C 191 -17.29 -29.11 -11.84
CA LEU C 191 -17.96 -29.32 -10.56
C LEU C 191 -19.02 -28.24 -10.24
N LEU C 192 -18.66 -26.98 -10.39
CA LEU C 192 -19.60 -25.88 -10.13
C LEU C 192 -20.78 -25.87 -11.11
N GLU C 193 -20.53 -26.24 -12.36
CA GLU C 193 -21.61 -26.27 -13.34
C GLU C 193 -22.70 -27.33 -13.04
N ASN C 194 -22.28 -28.55 -12.73
CA ASN C 194 -23.21 -29.60 -12.41
C ASN C 194 -23.92 -29.31 -11.11
N ALA C 195 -23.33 -28.41 -10.32
CA ALA C 195 -23.99 -27.89 -9.12
C ALA C 195 -25.05 -26.84 -9.49
N ASN C 196 -25.05 -26.39 -10.76
CA ASN C 196 -26.05 -25.46 -11.30
C ASN C 196 -25.66 -23.98 -11.31
N ALA C 197 -24.40 -23.69 -11.01
CA ALA C 197 -23.93 -22.31 -10.97
C ALA C 197 -23.71 -21.78 -12.39
N ASN C 198 -23.88 -20.46 -12.58
CA ASN C 198 -23.46 -19.79 -13.81
C ASN C 198 -21.97 -19.46 -13.76
N VAL C 199 -21.14 -20.36 -14.29
CA VAL C 199 -19.70 -20.19 -14.18
C VAL C 199 -19.13 -19.47 -15.40
N THR C 200 -18.30 -18.46 -15.17
CA THR C 200 -17.58 -17.80 -16.24
C THR C 200 -16.09 -18.09 -16.08
N HIS C 202 -12.14 -17.30 -17.18
CA HIS C 202 -11.27 -16.34 -17.77
C HIS C 202 -9.83 -16.77 -17.56
N TRP C 203 -9.07 -16.87 -18.65
CA TRP C 203 -7.70 -17.35 -18.60
C TRP C 203 -6.65 -16.27 -18.80
N GLU C 204 -5.53 -16.43 -18.10
CA GLU C 204 -4.35 -15.60 -18.30
C GLU C 204 -3.12 -16.45 -18.59
N ASN C 205 -2.11 -15.86 -19.17
CA ASN C 205 -0.88 -16.61 -19.43
C ASN C 205 0.34 -16.03 -18.73
N ARG C 206 0.16 -15.37 -17.59
CA ARG C 206 1.27 -14.68 -16.95
C ARG C 206 1.69 -15.28 -15.63
N GLY C 207 1.45 -16.56 -15.43
CA GLY C 207 1.89 -17.20 -14.20
C GLY C 207 0.91 -17.02 -13.06
N HIS C 208 1.42 -17.13 -11.83
CA HIS C 208 0.60 -17.17 -10.62
C HIS C 208 0.20 -15.79 -10.09
N GLN C 209 0.88 -14.74 -10.54
CA GLN C 209 0.61 -13.42 -10.01
C GLN C 209 -0.78 -12.96 -10.47
N LEU C 210 -1.34 -11.97 -9.79
CA LEU C 210 -2.58 -11.34 -10.24
C LEU C 210 -2.30 -10.45 -11.43
N THR C 211 -3.14 -10.57 -12.44
CA THR C 211 -3.04 -9.77 -13.65
C THR C 211 -4.08 -8.66 -13.61
N GLY C 213 -5.73 -7.87 -16.35
CA GLY C 213 -6.75 -8.29 -17.29
C GLY C 213 -7.78 -9.14 -16.56
N GLU C 214 -7.27 -9.94 -15.63
CA GLU C 214 -8.04 -10.69 -14.67
C GLU C 214 -9.02 -9.77 -13.93
N VAL C 215 -8.52 -8.70 -13.35
CA VAL C 215 -9.36 -7.80 -12.56
C VAL C 215 -10.34 -7.00 -13.41
N GLU C 216 -9.88 -6.53 -14.57
CA GLU C 216 -10.75 -5.75 -15.45
C GLU C 216 -11.90 -6.61 -15.97
N LYS C 217 -11.59 -7.86 -16.31
CA LYS C 217 -12.60 -8.85 -16.70
C LYS C 217 -13.55 -9.20 -15.57
N ALA C 218 -13.01 -9.33 -14.35
CA ALA C 218 -13.86 -9.55 -13.19
C ALA C 218 -14.83 -8.38 -12.95
N LYS C 219 -14.32 -7.15 -12.96
CA LYS C 219 -15.20 -6.00 -12.78
C LYS C 219 -16.34 -6.02 -13.81
N GLU C 220 -15.99 -6.29 -15.05
CA GLU C 220 -16.95 -6.26 -16.15
C GLU C 220 -17.99 -7.36 -15.99
N TRP C 221 -17.57 -8.51 -15.49
CA TRP C 221 -18.49 -9.59 -15.14
C TRP C 221 -19.37 -9.18 -13.99
N TYR C 222 -18.76 -8.62 -12.96
CA TYR C 222 -19.50 -8.10 -11.82
C TYR C 222 -20.62 -7.14 -12.20
N ASP C 223 -20.35 -6.21 -13.10
CA ASP C 223 -21.38 -5.24 -13.48
C ASP C 223 -22.58 -5.85 -14.22
N LYS C 224 -22.37 -6.98 -14.89
CA LYS C 224 -23.47 -7.69 -15.54
C LYS C 224 -24.24 -8.59 -14.56
N ALA C 225 -23.53 -9.30 -13.70
CA ALA C 225 -24.15 -10.34 -12.86
C ALA C 225 -24.91 -9.76 -11.67
N PHE C 226 -24.58 -8.53 -11.30
CA PHE C 226 -25.25 -7.84 -10.20
C PHE C 226 -25.51 -6.38 -10.60
#